data_1I98
#
_entry.id   1I98
#
_cell.length_a   1.000
_cell.length_b   1.000
_cell.length_c   1.000
_cell.angle_alpha   90.00
_cell.angle_beta   90.00
_cell.angle_gamma   90.00
#
_symmetry.space_group_name_H-M   'P 1'
#
_entity_poly.entity_id   1
_entity_poly.type   'polypeptide(L)'
_entity_poly.pdbx_seq_one_letter_code
;(ACE)CRWLRGDWRQC(NH2)
;
_entity_poly.pdbx_strand_id   A
#
loop_
_chem_comp.id
_chem_comp.type
_chem_comp.name
_chem_comp.formula
ACE non-polymer 'ACETYL GROUP' 'C2 H4 O'
NH2 non-polymer 'AMINO GROUP' 'H2 N'
#
# COMPACT_ATOMS: atom_id res chain seq x y z
C ACE A 1 -5.93 3.25 0.14
O ACE A 1 -4.78 3.02 -0.11
CH3 ACE A 1 -6.86 2.18 0.73
H1 ACE A 1 -6.58 1.99 1.76
H2 ACE A 1 -6.76 1.26 0.17
H3 ACE A 1 -7.88 2.52 0.69
N CYS A 2 -6.46 4.43 -0.10
CA CYS A 2 -5.63 5.53 -0.68
C CYS A 2 -4.92 5.06 -1.96
N ARG A 3 -3.98 5.82 -2.44
CA ARG A 3 -3.26 5.42 -3.69
C ARG A 3 -2.05 4.57 -3.33
N TRP A 4 -2.28 3.30 -3.05
CA TRP A 4 -1.12 2.38 -2.73
C TRP A 4 -1.47 0.95 -3.13
N LEU A 5 -0.70 -0.01 -2.69
CA LEU A 5 -0.96 -1.42 -3.08
C LEU A 5 -2.06 -2.01 -2.20
N ARG A 6 -2.66 -3.09 -2.61
CA ARG A 6 -3.76 -3.70 -1.80
C ARG A 6 -3.25 -4.19 -0.45
N GLY A 7 -1.95 -4.29 -0.29
CA GLY A 7 -1.40 -4.75 1.03
C GLY A 7 -1.06 -3.56 1.92
N ASP A 8 -1.69 -2.43 1.71
CA ASP A 8 -1.41 -1.24 2.56
C ASP A 8 -2.47 -1.10 3.66
N TRP A 9 -2.64 0.09 4.19
CA TRP A 9 -3.65 0.29 5.27
C TRP A 9 -5.05 0.46 4.67
N ARG A 10 -6.04 0.76 5.48
CA ARG A 10 -7.42 0.92 4.95
C ARG A 10 -7.53 2.24 4.16
N GLN A 11 -8.73 2.67 3.86
CA GLN A 11 -8.90 3.92 3.07
C GLN A 11 -8.21 5.09 3.77
N CYS A 12 -8.34 6.29 3.23
CA CYS A 12 -7.67 7.47 3.85
C CYS A 12 -8.53 7.99 5.01
N NH2 A 13 -8.00 8.86 5.84
HN1 NH2 A 13 -7.08 9.16 5.72
HN2 NH2 A 13 -8.54 9.21 6.59
C ACE A 1 1.67 7.06 -6.50
O ACE A 1 1.26 6.22 -7.29
CH3 ACE A 1 1.70 8.54 -6.87
H1 ACE A 1 2.39 9.06 -6.21
H2 ACE A 1 0.72 8.96 -6.76
H3 ACE A 1 2.03 8.65 -7.89
N CYS A 2 2.08 6.72 -5.30
CA CYS A 2 2.08 5.29 -4.88
C CYS A 2 0.69 4.67 -5.04
N ARG A 3 0.48 3.93 -6.10
CA ARG A 3 -0.86 3.30 -6.31
C ARG A 3 -0.75 1.77 -6.16
N TRP A 4 0.15 1.31 -5.34
CA TRP A 4 0.32 -0.16 -5.15
C TRP A 4 -0.04 -0.56 -3.71
N LEU A 5 -1.20 -0.18 -3.25
CA LEU A 5 -1.61 -0.54 -1.87
C LEU A 5 -2.38 -1.86 -1.87
N ARG A 6 -1.81 -2.89 -2.44
CA ARG A 6 -2.52 -4.21 -2.50
C ARG A 6 -2.86 -4.68 -1.09
N GLY A 7 -2.08 -4.29 -0.11
CA GLY A 7 -2.37 -4.70 1.29
C GLY A 7 -2.03 -3.53 2.23
N ASP A 8 -2.23 -2.32 1.77
CA ASP A 8 -1.94 -1.10 2.60
C ASP A 8 -0.67 -1.28 3.45
N TRP A 9 0.29 -2.00 2.95
CA TRP A 9 1.56 -2.20 3.72
C TRP A 9 2.51 -1.03 3.47
N ARG A 10 3.02 -0.94 2.28
CA ARG A 10 3.96 0.17 1.93
C ARG A 10 3.20 1.50 1.81
N GLN A 11 2.91 2.12 2.92
CA GLN A 11 2.17 3.43 2.87
C GLN A 11 3.12 4.56 2.47
N CYS A 12 2.81 5.24 1.39
CA CYS A 12 3.69 6.36 0.94
C CYS A 12 3.19 7.69 1.54
N NH2 A 13 3.90 8.28 2.45
HN1 NH2 A 13 4.73 7.88 2.77
HN2 NH2 A 13 3.59 9.14 2.83
C ACE A 1 5.80 4.55 -2.09
O ACE A 1 4.59 4.64 -2.15
CH3 ACE A 1 6.67 5.71 -1.60
H1 ACE A 1 6.07 6.61 -1.57
H2 ACE A 1 7.50 5.84 -2.27
H3 ACE A 1 7.03 5.49 -0.60
N CYS A 2 6.41 3.44 -2.43
CA CYS A 2 5.64 2.26 -2.93
C CYS A 2 4.73 2.67 -4.09
N ARG A 3 4.02 1.72 -4.64
CA ARG A 3 3.11 2.03 -5.78
C ARG A 3 1.69 1.61 -5.41
N TRP A 4 1.38 0.36 -5.58
CA TRP A 4 0.01 -0.15 -5.26
C TRP A 4 -0.08 -0.65 -3.81
N LEU A 5 -0.98 -0.10 -3.03
CA LEU A 5 -1.13 -0.58 -1.62
C LEU A 5 -2.18 -1.69 -1.55
N ARG A 6 -1.98 -2.77 -2.25
CA ARG A 6 -2.96 -3.90 -2.22
C ARG A 6 -2.97 -4.52 -0.82
N GLY A 7 -1.89 -4.39 -0.11
CA GLY A 7 -1.81 -4.95 1.27
C GLY A 7 -1.81 -3.79 2.27
N ASP A 8 -2.63 -2.79 2.04
CA ASP A 8 -2.67 -1.63 2.98
C ASP A 8 -1.32 -0.90 2.95
N TRP A 9 -0.95 -0.26 4.04
CA TRP A 9 0.36 0.46 4.05
C TRP A 9 1.52 -0.50 4.33
N ARG A 10 1.22 -1.74 4.65
CA ARG A 10 2.30 -2.72 4.93
C ARG A 10 2.73 -3.45 3.64
N GLN A 11 2.94 -2.73 2.57
CA GLN A 11 3.36 -3.39 1.30
C GLN A 11 4.84 -3.13 1.01
N CYS A 12 5.29 -1.96 1.35
CA CYS A 12 6.73 -1.61 1.12
C CYS A 12 7.44 -1.42 2.45
N NH2 A 13 6.85 -0.73 3.40
HN1 NH2 A 13 5.96 -0.35 3.24
HN2 NH2 A 13 7.31 -0.59 4.26
C ACE A 1 3.08 9.13 -4.34
O ACE A 1 1.86 9.20 -4.31
CH3 ACE A 1 3.89 9.90 -5.37
H1 ACE A 1 4.85 9.42 -5.52
H2 ACE A 1 4.06 10.91 -5.02
H3 ACE A 1 3.36 9.93 -6.30
N CYS A 2 3.73 8.37 -3.49
CA CYS A 2 2.99 7.59 -2.45
C CYS A 2 1.91 6.72 -3.10
N ARG A 3 2.23 5.48 -3.40
CA ARG A 3 1.23 4.58 -4.04
C ARG A 3 0.63 3.62 -3.00
N TRP A 4 -0.67 3.53 -2.93
CA TRP A 4 -1.32 2.61 -1.94
C TRP A 4 -1.43 1.18 -2.50
N LEU A 5 -0.74 0.24 -1.91
CA LEU A 5 -0.82 -1.16 -2.42
C LEU A 5 -2.05 -1.86 -1.82
N ARG A 6 -2.44 -2.99 -2.38
CA ARG A 6 -3.63 -3.71 -1.85
C ARG A 6 -3.29 -4.32 -0.49
N GLY A 7 -2.03 -4.56 -0.25
CA GLY A 7 -1.62 -5.14 1.06
C GLY A 7 -1.11 -4.02 1.97
N ASP A 8 -1.65 -2.83 1.83
CA ASP A 8 -1.19 -1.69 2.67
C ASP A 8 -2.36 -0.77 3.02
N TRP A 9 -2.41 -0.31 4.24
CA TRP A 9 -3.51 0.61 4.66
C TRP A 9 -3.11 2.07 4.45
N ARG A 10 -2.81 2.79 5.50
CA ARG A 10 -2.42 4.22 5.35
C ARG A 10 -0.89 4.40 5.45
N GLN A 11 -0.12 3.60 4.75
CA GLN A 11 1.37 3.74 4.83
C GLN A 11 1.93 4.49 3.61
N CYS A 12 2.66 5.55 3.82
CA CYS A 12 3.25 6.30 2.66
C CYS A 12 4.77 6.12 2.63
N NH2 A 13 5.33 5.52 1.60
HN1 NH2 A 13 4.77 5.20 0.87
HN2 NH2 A 13 6.30 5.41 1.57
C ACE A 1 6.02 -1.63 -6.04
O ACE A 1 5.95 -1.21 -7.18
CH3 ACE A 1 7.31 -1.47 -5.22
H1 ACE A 1 7.90 -0.68 -5.64
H2 ACE A 1 7.87 -2.40 -5.24
H3 ACE A 1 7.05 -1.23 -4.20
N CYS A 2 5.03 -2.26 -5.48
CA CYS A 2 3.75 -2.46 -6.22
C CYS A 2 3.23 -1.11 -6.76
N ARG A 3 2.36 -1.14 -7.73
CA ARG A 3 1.83 0.14 -8.29
C ARG A 3 0.63 0.62 -7.46
N TRP A 4 0.26 -0.13 -6.47
CA TRP A 4 -0.90 0.28 -5.61
C TRP A 4 -0.79 -0.40 -4.24
N LEU A 5 -1.42 0.15 -3.25
CA LEU A 5 -1.36 -0.47 -1.90
C LEU A 5 -2.22 -1.73 -1.89
N ARG A 6 -1.68 -2.82 -2.35
CA ARG A 6 -2.47 -4.08 -2.40
C ARG A 6 -2.83 -4.53 -0.97
N GLY A 7 -1.86 -4.62 -0.11
CA GLY A 7 -2.16 -5.03 1.29
C GLY A 7 -2.22 -3.80 2.19
N ASP A 8 -2.49 -2.65 1.62
CA ASP A 8 -2.57 -1.40 2.45
C ASP A 8 -1.26 -1.20 3.23
N TRP A 9 -1.18 -1.73 4.42
CA TRP A 9 0.07 -1.55 5.24
C TRP A 9 1.09 -2.67 4.95
N ARG A 10 0.81 -3.54 4.02
CA ARG A 10 1.76 -4.65 3.71
C ARG A 10 2.58 -4.36 2.45
N GLN A 11 3.88 -4.54 2.50
CA GLN A 11 4.72 -4.29 1.29
C GLN A 11 4.91 -5.60 0.48
N CYS A 12 4.66 -5.56 -0.81
CA CYS A 12 4.84 -6.80 -1.63
C CYS A 12 6.32 -6.96 -2.03
N NH2 A 13 6.70 -8.05 -2.63
HN1 NH2 A 13 6.06 -8.76 -2.82
HN2 NH2 A 13 7.64 -8.15 -2.89
C ACE A 1 7.22 -1.66 -10.14
O ACE A 1 7.62 -2.60 -9.48
CH3 ACE A 1 7.85 -1.32 -11.49
H1 ACE A 1 8.21 -0.30 -11.47
H2 ACE A 1 7.11 -1.43 -12.26
H3 ACE A 1 8.67 -1.99 -11.68
N CYS A 2 6.23 -0.92 -9.72
CA CYS A 2 5.57 -1.18 -8.42
C CYS A 2 4.05 -1.11 -8.56
N ARG A 3 3.33 -1.72 -7.66
CA ARG A 3 1.84 -1.69 -7.73
C ARG A 3 1.27 -0.75 -6.68
N TRP A 4 -0.03 -0.74 -6.51
CA TRP A 4 -0.66 0.16 -5.50
C TRP A 4 -0.63 -0.50 -4.12
N LEU A 5 -1.37 0.03 -3.18
CA LEU A 5 -1.39 -0.59 -1.82
C LEU A 5 -2.28 -1.82 -1.84
N ARG A 6 -1.79 -2.92 -2.36
CA ARG A 6 -2.60 -4.16 -2.42
C ARG A 6 -2.88 -4.68 -1.01
N GLY A 7 -2.01 -4.39 -0.09
CA GLY A 7 -2.21 -4.85 1.31
C GLY A 7 -2.02 -3.65 2.24
N ASP A 8 -2.29 -2.46 1.76
CA ASP A 8 -2.13 -1.24 2.62
C ASP A 8 -0.71 -1.19 3.21
N TRP A 9 0.24 -1.79 2.55
CA TRP A 9 1.63 -1.78 3.08
C TRP A 9 2.36 -0.49 2.65
N ARG A 10 3.67 -0.50 2.69
CA ARG A 10 4.45 0.72 2.31
C ARG A 10 4.30 1.00 0.81
N GLN A 11 4.30 2.26 0.43
CA GLN A 11 4.16 2.61 -1.02
C GLN A 11 5.51 2.62 -1.73
N CYS A 12 5.50 2.44 -3.03
CA CYS A 12 6.76 2.46 -3.81
C CYS A 12 6.99 3.85 -4.42
N NH2 A 13 7.86 4.66 -3.89
HN1 NH2 A 13 8.37 4.38 -3.10
HN2 NH2 A 13 8.01 5.55 -4.28
C ACE A 1 6.27 2.25 -7.89
O ACE A 1 5.14 2.36 -8.34
CH3 ACE A 1 7.46 2.97 -8.52
H1 ACE A 1 7.18 3.34 -9.50
H2 ACE A 1 8.29 2.28 -8.63
H3 ACE A 1 7.75 3.80 -7.90
N CYS A 2 6.51 1.50 -6.84
CA CYS A 2 5.40 0.75 -6.17
C CYS A 2 4.39 1.72 -5.55
N ARG A 3 3.54 2.30 -6.34
CA ARG A 3 2.53 3.26 -5.80
C ARG A 3 1.19 2.54 -5.57
N TRP A 4 1.22 1.25 -5.35
CA TRP A 4 -0.04 0.50 -5.13
C TRP A 4 -0.04 -0.12 -3.72
N LEU A 5 -1.12 0.01 -3.00
CA LEU A 5 -1.19 -0.57 -1.62
C LEU A 5 -2.20 -1.73 -1.58
N ARG A 6 -1.93 -2.79 -2.29
CA ARG A 6 -2.88 -3.95 -2.28
C ARG A 6 -2.96 -4.55 -0.88
N GLY A 7 -1.87 -4.53 -0.16
CA GLY A 7 -1.89 -5.09 1.23
C GLY A 7 -1.84 -3.94 2.24
N ASP A 8 -2.48 -2.84 1.94
CA ASP A 8 -2.49 -1.65 2.85
C ASP A 8 -1.08 -1.07 3.01
N TRP A 9 -0.21 -1.74 3.72
CA TRP A 9 1.18 -1.23 3.91
C TRP A 9 2.17 -2.10 3.14
N ARG A 10 2.88 -1.54 2.19
CA ARG A 10 3.87 -2.33 1.41
C ARG A 10 5.31 -1.95 1.82
N GLN A 11 6.19 -2.91 1.94
CA GLN A 11 7.59 -2.60 2.34
C GLN A 11 8.42 -2.15 1.12
N CYS A 12 8.20 -0.94 0.65
CA CYS A 12 8.98 -0.44 -0.51
C CYS A 12 10.33 0.12 -0.04
N NH2 A 13 11.39 -0.63 -0.11
HN1 NH2 A 13 11.32 -1.55 -0.46
HN2 NH2 A 13 12.26 -0.29 0.19
C ACE A 1 1.84 8.66 -1.65
O ACE A 1 0.92 7.91 -1.91
CH3 ACE A 1 2.03 10.00 -2.36
H1 ACE A 1 2.00 9.83 -3.43
H2 ACE A 1 2.99 10.42 -2.09
H3 ACE A 1 1.24 10.67 -2.07
N CYS A 2 2.71 8.35 -0.72
CA CYS A 2 2.59 7.06 0.03
C CYS A 2 2.48 5.88 -0.94
N ARG A 3 2.30 4.69 -0.41
CA ARG A 3 2.19 3.48 -1.30
C ARG A 3 0.78 2.88 -1.23
N TRP A 4 -0.03 3.10 -2.23
CA TRP A 4 -1.42 2.54 -2.22
C TRP A 4 -1.46 1.12 -2.81
N LEU A 5 -0.88 0.15 -2.13
CA LEU A 5 -0.90 -1.25 -2.66
C LEU A 5 -2.12 -2.03 -2.14
N ARG A 6 -2.29 -3.24 -2.58
CA ARG A 6 -3.46 -4.06 -2.11
C ARG A 6 -3.27 -4.40 -0.64
N GLY A 7 -2.05 -4.46 -0.20
CA GLY A 7 -1.77 -4.77 1.23
C GLY A 7 -1.23 -3.50 1.90
N ASP A 8 -1.87 -2.38 1.65
CA ASP A 8 -1.39 -1.11 2.27
C ASP A 8 -1.79 -1.04 3.74
N TRP A 9 -1.05 -0.33 4.52
CA TRP A 9 -1.38 -0.21 5.97
C TRP A 9 -2.08 1.12 6.27
N ARG A 10 -1.34 2.18 6.35
CA ARG A 10 -1.92 3.52 6.66
C ARG A 10 -2.61 4.12 5.43
N GLN A 11 -3.75 4.72 5.60
CA GLN A 11 -4.46 5.34 4.45
C GLN A 11 -4.00 6.79 4.26
N CYS A 12 -3.14 7.04 3.30
CA CYS A 12 -2.69 8.45 3.06
C CYS A 12 -3.72 9.21 2.23
N NH2 A 13 -3.45 10.42 1.83
HN1 NH2 A 13 -2.59 10.84 2.06
HN2 NH2 A 13 -4.10 10.91 1.29
C ACE A 1 -0.35 6.24 5.95
O ACE A 1 -0.34 6.58 4.78
CH3 ACE A 1 -1.06 7.08 7.01
H1 ACE A 1 -0.38 7.85 7.36
H2 ACE A 1 -1.35 6.44 7.84
H3 ACE A 1 -1.93 7.54 6.58
N CYS A 2 0.23 5.14 6.34
CA CYS A 2 0.94 4.27 5.36
C CYS A 2 0.00 3.84 4.23
N ARG A 3 0.00 4.56 3.14
CA ARG A 3 -0.87 4.21 2.01
C ARG A 3 -0.06 3.43 0.96
N TRP A 4 -0.63 2.39 0.41
CA TRP A 4 0.10 1.58 -0.60
C TRP A 4 -0.89 0.84 -1.50
N LEU A 5 -0.45 -0.23 -2.10
CA LEU A 5 -1.34 -1.01 -3.00
C LEU A 5 -2.30 -1.87 -2.18
N ARG A 6 -2.63 -3.03 -2.67
CA ARG A 6 -3.57 -3.93 -1.93
C ARG A 6 -2.95 -4.37 -0.59
N GLY A 7 -1.68 -4.14 -0.41
CA GLY A 7 -1.03 -4.53 0.89
C GLY A 7 -1.62 -3.68 2.02
N ASP A 8 -2.22 -2.56 1.68
CA ASP A 8 -2.85 -1.68 2.72
C ASP A 8 -1.83 -1.17 3.75
N TRP A 9 -2.20 -1.16 5.01
CA TRP A 9 -1.28 -0.63 6.08
C TRP A 9 -0.26 -1.70 6.49
N ARG A 10 0.86 -1.76 5.83
CA ARG A 10 1.90 -2.77 6.18
C ARG A 10 2.71 -2.37 7.42
N GLN A 11 3.75 -3.11 7.71
CA GLN A 11 4.60 -2.79 8.91
C GLN A 11 5.50 -1.58 8.63
N CYS A 12 5.08 -0.42 9.06
CA CYS A 12 5.91 0.80 8.82
C CYS A 12 6.93 0.99 9.95
N NH2 A 13 6.53 0.95 11.19
HN1 NH2 A 13 5.59 0.82 11.39
HN2 NH2 A 13 7.18 1.07 11.91
C ACE A 1 4.74 6.22 -6.13
O ACE A 1 3.82 6.48 -6.89
CH3 ACE A 1 5.54 7.33 -5.46
H1 ACE A 1 5.34 7.31 -4.39
H2 ACE A 1 5.24 8.28 -5.86
H3 ACE A 1 6.59 7.17 -5.62
N CYS A 2 5.08 4.99 -5.88
CA CYS A 2 4.36 3.85 -6.51
C CYS A 2 2.85 3.95 -6.21
N ARG A 3 2.04 3.40 -7.08
CA ARG A 3 0.57 3.43 -6.87
C ARG A 3 0.05 1.99 -6.77
N TRP A 4 0.44 1.26 -5.75
CA TRP A 4 -0.02 -0.16 -5.61
C TRP A 4 -0.14 -0.55 -4.13
N LEU A 5 -1.24 -0.23 -3.52
CA LEU A 5 -1.48 -0.56 -2.08
C LEU A 5 -2.38 -1.80 -1.93
N ARG A 6 -2.03 -2.90 -2.54
CA ARG A 6 -2.88 -4.12 -2.42
C ARG A 6 -2.67 -4.76 -1.05
N GLY A 7 -2.83 -3.99 -0.02
CA GLY A 7 -2.65 -4.50 1.37
C GLY A 7 -2.27 -3.34 2.30
N ASP A 8 -2.05 -2.16 1.75
CA ASP A 8 -1.69 -0.98 2.60
C ASP A 8 -0.46 -1.30 3.46
N TRP A 9 0.71 -1.18 2.91
CA TRP A 9 1.96 -1.46 3.68
C TRP A 9 2.63 -0.16 4.15
N ARG A 10 3.91 -0.20 4.41
CA ARG A 10 4.62 1.04 4.86
C ARG A 10 4.71 2.01 3.69
N GLN A 11 5.54 3.02 3.81
CA GLN A 11 5.67 4.01 2.69
C GLN A 11 6.43 3.39 1.52
N CYS A 12 6.43 4.05 0.40
CA CYS A 12 7.16 3.50 -0.79
C CYS A 12 8.62 3.96 -0.78
N NH2 A 13 8.90 5.23 -0.92
HN1 NH2 A 13 8.18 5.88 -1.02
HN2 NH2 A 13 9.84 5.53 -0.93
C ACE A 1 0.63 7.57 -6.39
O ACE A 1 -0.14 7.02 -7.15
CH3 ACE A 1 0.57 9.08 -6.13
H1 ACE A 1 -0.46 9.41 -6.18
H2 ACE A 1 1.14 9.60 -6.88
H3 ACE A 1 0.98 9.30 -5.16
N CYS A 2 1.56 6.89 -5.77
CA CYS A 2 1.69 5.41 -5.98
C CYS A 2 0.36 4.70 -5.67
N ARG A 3 -0.08 3.86 -6.56
CA ARG A 3 -1.37 3.13 -6.32
C ARG A 3 -1.11 1.62 -6.18
N TRP A 4 -0.07 1.25 -5.49
CA TRP A 4 0.24 -0.21 -5.32
C TRP A 4 0.16 -0.59 -3.84
N LEU A 5 -0.94 -0.31 -3.20
CA LEU A 5 -1.07 -0.67 -1.75
C LEU A 5 -2.19 -1.71 -1.58
N ARG A 6 -2.13 -2.77 -2.31
CA ARG A 6 -3.20 -3.82 -2.19
C ARG A 6 -3.19 -4.42 -0.80
N GLY A 7 -2.04 -4.45 -0.16
CA GLY A 7 -1.96 -5.02 1.22
C GLY A 7 -1.30 -4.00 2.15
N ASP A 8 -1.49 -2.73 1.89
CA ASP A 8 -0.87 -1.68 2.75
C ASP A 8 -1.95 -0.70 3.25
N TRP A 9 -1.81 -0.23 4.47
CA TRP A 9 -2.82 0.73 5.02
C TRP A 9 -2.33 2.17 4.91
N ARG A 10 -1.03 2.34 4.80
CA ARG A 10 -0.47 3.73 4.70
C ARG A 10 -0.01 4.01 3.26
N GLN A 11 0.24 5.26 2.94
CA GLN A 11 0.69 5.62 1.56
C GLN A 11 2.22 5.50 1.45
N CYS A 12 2.78 5.93 0.36
CA CYS A 12 4.27 5.87 0.19
C CYS A 12 4.93 7.01 0.97
N NH2 A 13 4.30 8.14 1.13
HN1 NH2 A 13 3.41 8.25 0.74
HN2 NH2 A 13 4.71 8.87 1.63
C ACE A 1 7.07 1.10 -7.58
O ACE A 1 7.01 2.18 -7.04
CH3 ACE A 1 7.97 0.87 -8.80
H1 ACE A 1 7.99 -0.19 -9.03
H2 ACE A 1 8.97 1.22 -8.58
H3 ACE A 1 7.58 1.41 -9.64
N CYS A 2 6.35 0.09 -7.17
CA CYS A 2 5.45 0.24 -5.98
C CYS A 2 4.52 1.44 -6.17
N ARG A 3 3.46 1.28 -6.92
CA ARG A 3 2.52 2.41 -7.15
C ARG A 3 1.11 2.05 -6.66
N TRP A 4 0.96 0.97 -5.95
CA TRP A 4 -0.39 0.57 -5.46
C TRP A 4 -0.27 -0.09 -4.07
N LEU A 5 -1.32 -0.04 -3.30
CA LEU A 5 -1.29 -0.65 -1.94
C LEU A 5 -2.25 -1.84 -1.89
N ARG A 6 -1.85 -2.97 -2.42
CA ARG A 6 -2.74 -4.15 -2.42
C ARG A 6 -2.94 -4.66 -1.00
N GLY A 7 -2.02 -4.35 -0.12
CA GLY A 7 -2.14 -4.78 1.30
C GLY A 7 -1.93 -3.57 2.21
N ASP A 8 -2.28 -2.40 1.75
CA ASP A 8 -2.12 -1.17 2.59
C ASP A 8 -0.79 -1.21 3.35
N TRP A 9 0.28 -1.60 2.72
CA TRP A 9 1.58 -1.67 3.43
C TRP A 9 2.18 -0.26 3.53
N ARG A 10 3.44 -0.16 3.87
CA ARG A 10 4.07 1.18 3.99
C ARG A 10 4.13 1.83 2.60
N GLN A 11 3.85 3.10 2.50
CA GLN A 11 3.88 3.78 1.17
C GLN A 11 5.32 3.86 0.65
N CYS A 12 5.49 3.63 -0.62
CA CYS A 12 6.86 3.70 -1.21
C CYS A 12 7.20 5.13 -1.63
N NH2 A 13 6.97 6.12 -0.80
HN1 NH2 A 13 6.59 5.93 0.09
HN2 NH2 A 13 7.18 7.04 -1.06
C ACE A 1 6.43 4.53 -3.43
O ACE A 1 5.62 5.34 -3.82
CH3 ACE A 1 7.93 4.80 -3.51
H1 ACE A 1 8.40 4.04 -4.12
H2 ACE A 1 8.35 4.76 -2.51
H3 ACE A 1 8.10 5.77 -3.94
N CYS A 2 6.05 3.38 -2.93
CA CYS A 2 4.59 3.04 -2.82
C CYS A 2 3.88 3.28 -4.15
N ARG A 3 3.77 2.27 -4.97
CA ARG A 3 3.08 2.45 -6.27
C ARG A 3 1.68 1.82 -6.21
N TRP A 4 1.46 0.96 -5.27
CA TRP A 4 0.11 0.30 -5.13
C TRP A 4 -0.10 -0.22 -3.71
N LEU A 5 -1.26 -0.04 -3.17
CA LEU A 5 -1.55 -0.54 -1.79
C LEU A 5 -2.36 -1.86 -1.86
N ARG A 6 -1.78 -2.91 -2.38
CA ARG A 6 -2.53 -4.21 -2.47
C ARG A 6 -2.83 -4.76 -1.08
N GLY A 7 -2.22 -4.18 -0.08
CA GLY A 7 -2.45 -4.64 1.32
C GLY A 7 -2.14 -3.48 2.26
N ASP A 8 -2.25 -2.26 1.78
CA ASP A 8 -1.96 -1.08 2.65
C ASP A 8 -0.55 -1.19 3.23
N TRP A 9 0.43 -1.47 2.39
CA TRP A 9 1.83 -1.60 2.89
C TRP A 9 2.55 -0.25 2.89
N ARG A 10 2.72 0.36 4.03
CA ARG A 10 3.41 1.69 4.11
C ARG A 10 4.94 1.55 4.04
N GLN A 11 5.49 1.13 2.92
CA GLN A 11 6.98 1.00 2.83
C GLN A 11 7.65 2.35 2.56
N CYS A 12 6.90 3.41 2.45
CA CYS A 12 7.53 4.75 2.19
C CYS A 12 8.04 5.36 3.49
N NH2 A 13 8.62 6.54 3.45
HN1 NH2 A 13 8.72 7.01 2.60
HN2 NH2 A 13 8.93 6.95 4.28
C ACE A 1 6.76 2.47 3.13
O ACE A 1 7.01 3.03 2.09
CH3 ACE A 1 7.71 1.43 3.71
H1 ACE A 1 8.42 1.11 2.95
H2 ACE A 1 7.15 0.57 4.06
H3 ACE A 1 8.25 1.85 4.54
N CYS A 2 5.68 2.74 3.81
CA CYS A 2 4.70 3.76 3.32
C CYS A 2 4.27 3.45 1.88
N ARG A 3 3.57 2.35 1.69
CA ARG A 3 3.11 1.99 0.32
C ARG A 3 1.58 2.08 0.23
N TRP A 4 1.05 2.11 -0.97
CA TRP A 4 -0.45 2.21 -1.12
C TRP A 4 -0.95 1.13 -2.07
N LEU A 5 -0.56 -0.09 -1.85
CA LEU A 5 -1.02 -1.21 -2.74
C LEU A 5 -2.18 -1.98 -2.12
N ARG A 6 -2.47 -3.15 -2.63
CA ARG A 6 -3.59 -3.96 -2.07
C ARG A 6 -3.27 -4.39 -0.65
N GLY A 7 -2.01 -4.55 -0.35
CA GLY A 7 -1.60 -4.96 1.03
C GLY A 7 -1.17 -3.71 1.80
N ASP A 8 -1.85 -2.61 1.63
CA ASP A 8 -1.45 -1.37 2.37
C ASP A 8 -2.11 -1.31 3.75
N TRP A 9 -2.01 -2.37 4.51
CA TRP A 9 -2.62 -2.37 5.87
C TRP A 9 -1.56 -2.09 6.96
N ARG A 10 -0.32 -1.88 6.60
CA ARG A 10 0.73 -1.64 7.63
C ARG A 10 1.04 -0.13 7.79
N GLN A 11 1.35 0.30 8.99
CA GLN A 11 1.69 1.74 9.21
C GLN A 11 3.16 2.02 8.88
N CYS A 12 3.53 3.28 8.78
CA CYS A 12 4.95 3.62 8.48
C CYS A 12 5.77 3.72 9.77
N NH2 A 13 5.16 4.00 10.89
HN1 NH2 A 13 4.19 4.13 10.91
HN2 NH2 A 13 5.68 4.07 11.72
C ACE A 1 -8.26 -1.61 -8.57
O ACE A 1 -7.33 -1.90 -7.85
CH3 ACE A 1 -9.11 -2.71 -9.23
H1 ACE A 1 -8.66 -3.67 -9.06
H2 ACE A 1 -9.16 -2.52 -10.29
H3 ACE A 1 -10.10 -2.71 -8.81
N CYS A 2 -8.59 -0.37 -8.81
CA CYS A 2 -7.82 0.75 -8.19
C CYS A 2 -6.35 0.68 -8.59
N ARG A 3 -5.60 1.73 -8.37
CA ARG A 3 -4.15 1.72 -8.73
C ARG A 3 -3.30 2.01 -7.49
N TRP A 4 -3.29 1.11 -6.56
CA TRP A 4 -2.49 1.30 -5.31
C TRP A 4 -2.13 -0.07 -4.72
N LEU A 5 -1.23 -0.12 -3.78
CA LEU A 5 -0.86 -1.44 -3.18
C LEU A 5 -1.93 -1.84 -2.16
N ARG A 6 -2.69 -2.86 -2.46
CA ARG A 6 -3.75 -3.30 -1.50
C ARG A 6 -3.12 -3.97 -0.27
N GLY A 7 -1.83 -4.14 -0.26
CA GLY A 7 -1.18 -4.79 0.93
C GLY A 7 -1.12 -3.79 2.09
N ASP A 8 -1.25 -2.51 1.83
CA ASP A 8 -1.21 -1.51 2.95
C ASP A 8 -2.65 -1.25 3.46
N TRP A 9 -2.94 -0.05 3.89
CA TRP A 9 -4.31 0.25 4.39
C TRP A 9 -5.25 0.50 3.20
N ARG A 10 -6.53 0.53 3.42
CA ARG A 10 -7.48 0.75 2.28
C ARG A 10 -7.41 2.19 1.77
N GLN A 11 -6.40 2.52 1.01
CA GLN A 11 -6.29 3.91 0.48
C GLN A 11 -7.20 4.12 -0.76
N CYS A 12 -7.95 3.13 -1.14
CA CYS A 12 -8.84 3.29 -2.34
C CYS A 12 -10.24 3.78 -1.93
N NH2 A 13 -10.41 4.35 -0.77
HN1 NH2 A 13 -9.64 4.48 -0.17
HN2 NH2 A 13 -11.31 4.65 -0.49
#